data_3VRH
#
_entry.id   3VRH
#
_cell.length_a   70.071
_cell.length_b   70.071
_cell.length_c   128.636
_cell.angle_alpha   90.00
_cell.angle_beta   90.00
_cell.angle_gamma   90.00
#
_symmetry.space_group_name_H-M   'P 43 21 2'
#
loop_
_entity.id
_entity.type
_entity.pdbx_description
1 polymer 'Putative uncharacterized protein PH0300'
2 non-polymer 'ZINC ION'
3 non-polymer BICINE
4 water water
#
_entity_poly.entity_id   1
_entity_poly.type   'polypeptide(L)'
_entity_poly.pdbx_seq_one_letter_code
;MKCKFCSREAYIKIHYPKMYLCEEHFKEYFERKVSRTIERYKLLTKDERILVAVSGGKDSAVTAYVLKKLGYNIECLHIN
LGISGYSEKSEEYAKKQCKLIGAPLHIVRIKEILGYGIGEVKTRRPPCSYCGLTKRYIMNKFAYDNGFDAIATGHNLDDE
ASFLLNNILHWNTEYLAKGGPILPQQGKFIKKVKPLYEVTEREVVAYALAVGLEYIVEECPYARGATTLDMKGVLNELEE
KRPGTKFNFVRGYLKKKKLFEPEIKEKEIKECKICRMPSSGDICAFCKFWGLKKEINFKVSSTDEEPFGP
;
_entity_poly.pdbx_strand_id   A
#
loop_
_chem_comp.id
_chem_comp.type
_chem_comp.name
_chem_comp.formula
BCN non-polymer BICINE 'C6 H13 N O4'
ZN non-polymer 'ZINC ION' 'Zn 2'
#
# COMPACT_ATOMS: atom_id res chain seq x y z
N MET A 1 -5.91 -4.03 -33.25
CA MET A 1 -6.43 -2.70 -32.95
C MET A 1 -5.28 -1.70 -32.87
N LYS A 2 -5.58 -0.45 -33.17
CA LYS A 2 -4.56 0.60 -33.09
C LYS A 2 -4.89 1.58 -31.97
N CYS A 3 -3.87 2.27 -31.49
CA CYS A 3 -4.04 3.22 -30.42
C CYS A 3 -4.96 4.36 -30.84
N LYS A 4 -5.71 4.88 -29.87
CA LYS A 4 -6.57 6.03 -30.09
C LYS A 4 -5.78 7.29 -30.48
N PHE A 5 -4.53 7.38 -30.01
CA PHE A 5 -3.77 8.62 -30.13
C PHE A 5 -2.60 8.57 -31.09
N CYS A 6 -2.32 7.40 -31.65
CA CYS A 6 -1.29 7.24 -32.65
C CYS A 6 -1.52 5.97 -33.45
N SER A 7 -0.52 5.61 -34.24
CA SER A 7 -0.62 4.54 -35.21
C SER A 7 -0.02 3.22 -34.67
N ARG A 8 0.43 3.25 -33.42
CA ARG A 8 1.02 2.08 -32.78
C ARG A 8 -0.03 1.03 -32.42
N GLU A 9 0.41 -0.22 -32.30
CA GLU A 9 -0.49 -1.32 -31.94
C GLU A 9 -1.04 -1.13 -30.51
N ALA A 10 -2.32 -1.46 -30.33
CA ALA A 10 -2.96 -1.32 -29.04
C ALA A 10 -2.28 -2.22 -28.02
N TYR A 11 -2.03 -1.69 -26.83
CA TYR A 11 -1.43 -2.50 -25.77
C TYR A 11 -2.49 -2.97 -24.82
N ILE A 12 -3.54 -2.17 -24.66
CA ILE A 12 -4.60 -2.50 -23.72
C ILE A 12 -5.88 -1.75 -24.09
N LYS A 13 -7.03 -2.32 -23.75
CA LYS A 13 -8.31 -1.61 -23.88
C LYS A 13 -8.75 -1.01 -22.55
N ILE A 14 -8.96 0.30 -22.55
CA ILE A 14 -9.42 1.00 -21.36
C ILE A 14 -10.93 1.16 -21.51
N HIS A 15 -11.68 0.86 -20.45
CA HIS A 15 -13.14 0.84 -20.53
C HIS A 15 -13.73 2.21 -20.29
N TYR A 16 -13.17 2.95 -19.33
CA TYR A 16 -13.72 4.24 -18.97
C TYR A 16 -12.65 5.35 -18.94
N PRO A 17 -12.65 6.20 -19.97
CA PRO A 17 -13.52 6.09 -21.15
C PRO A 17 -13.04 4.99 -22.09
N LYS A 18 -13.88 4.60 -23.05
CA LYS A 18 -13.52 3.58 -24.03
C LYS A 18 -12.43 4.06 -24.98
N MET A 19 -11.31 3.34 -24.99
CA MET A 19 -10.20 3.62 -25.90
C MET A 19 -9.17 2.50 -25.88
N TYR A 20 -8.61 2.19 -27.04
CA TYR A 20 -7.45 1.33 -27.11
C TYR A 20 -6.24 2.23 -26.99
N LEU A 21 -5.22 1.76 -26.27
CA LEU A 21 -4.00 2.54 -26.05
C LEU A 21 -2.75 1.70 -26.25
N CYS A 22 -1.74 2.28 -26.89
CA CYS A 22 -0.44 1.66 -26.99
C CYS A 22 0.26 1.75 -25.63
N GLU A 23 1.41 1.09 -25.51
CA GLU A 23 2.17 1.07 -24.27
C GLU A 23 2.42 2.46 -23.71
N GLU A 24 2.94 3.37 -24.55
CA GLU A 24 3.36 4.68 -24.04
C GLU A 24 2.19 5.55 -23.66
N HIS A 25 1.12 5.49 -24.45
CA HIS A 25 -0.07 6.26 -24.14
C HIS A 25 -0.84 5.66 -22.98
N PHE A 26 -0.69 4.36 -22.75
CA PHE A 26 -1.26 3.76 -21.55
C PHE A 26 -0.53 4.26 -20.29
N LYS A 27 0.82 4.25 -20.35
CA LYS A 27 1.64 4.74 -19.24
C LYS A 27 1.20 6.14 -18.87
N GLU A 28 1.08 6.98 -19.90
CA GLU A 28 0.64 8.37 -19.73
C GLU A 28 -0.75 8.47 -19.12
N TYR A 29 -1.70 7.69 -19.65
CA TYR A 29 -3.04 7.64 -19.06
C TYR A 29 -2.97 7.27 -17.58
N PHE A 30 -2.14 6.27 -17.26
CA PHE A 30 -2.11 5.75 -15.89
C PHE A 30 -1.53 6.82 -14.95
N GLU A 31 -0.45 7.43 -15.40
CA GLU A 31 0.22 8.45 -14.61
C GLU A 31 -0.66 9.68 -14.42
N ARG A 32 -1.39 10.07 -15.47
CA ARG A 32 -2.35 11.16 -15.36
C ARG A 32 -3.47 10.85 -14.38
N LYS A 33 -4.05 9.66 -14.49
CA LYS A 33 -5.11 9.26 -13.57
C LYS A 33 -4.65 9.33 -12.11
N VAL A 34 -3.46 8.84 -11.85
CA VAL A 34 -2.94 8.86 -10.48
C VAL A 34 -2.75 10.30 -10.03
N SER A 35 -2.21 11.12 -10.92
CA SER A 35 -2.06 12.54 -10.64
C SER A 35 -3.42 13.22 -10.36
N ARG A 36 -4.41 12.87 -11.16
CA ARG A 36 -5.78 13.35 -10.94
C ARG A 36 -6.31 12.96 -9.57
N THR A 37 -6.00 11.74 -9.14
CA THR A 37 -6.42 11.25 -7.83
C THR A 37 -5.79 12.01 -6.69
N ILE A 38 -4.48 12.25 -6.78
CA ILE A 38 -3.79 13.01 -5.76
C ILE A 38 -4.38 14.41 -5.62
N GLU A 39 -4.60 15.05 -6.77
CA GLU A 39 -5.23 16.37 -6.82
C GLU A 39 -6.63 16.39 -6.21
N ARG A 40 -7.50 15.53 -6.68
CA ARG A 40 -8.90 15.55 -6.25
C ARG A 40 -9.07 15.41 -4.75
N TYR A 41 -8.28 14.52 -4.15
CA TYR A 41 -8.42 14.24 -2.74
C TYR A 41 -7.38 14.94 -1.89
N LYS A 42 -6.59 15.81 -2.53
CA LYS A 42 -5.54 16.57 -1.85
C LYS A 42 -4.64 15.67 -1.00
N LEU A 43 -4.19 14.57 -1.62
CA LEU A 43 -3.46 13.52 -0.90
C LEU A 43 -2.08 13.97 -0.54
N LEU A 44 -1.42 14.64 -1.49
CA LEU A 44 -0.01 14.94 -1.42
C LEU A 44 0.30 16.30 -2.04
N THR A 45 1.38 16.93 -1.56
CA THR A 45 1.94 18.09 -2.24
C THR A 45 3.42 17.83 -2.53
N LYS A 46 3.94 18.51 -3.54
CA LYS A 46 5.29 18.22 -4.01
C LYS A 46 6.40 18.54 -3.00
N ASP A 47 6.05 19.24 -1.92
CA ASP A 47 7.05 19.60 -0.91
C ASP A 47 7.18 18.51 0.15
N GLU A 48 6.21 17.60 0.20
CA GLU A 48 6.17 16.59 1.26
C GLU A 48 7.23 15.50 1.11
N ARG A 49 7.73 15.00 2.24
CA ARG A 49 8.62 13.85 2.24
C ARG A 49 7.77 12.60 2.42
N ILE A 50 7.73 11.78 1.38
CA ILE A 50 6.79 10.68 1.35
C ILE A 50 7.47 9.33 1.49
N LEU A 51 6.89 8.47 2.32
CA LEU A 51 7.41 7.12 2.51
C LEU A 51 6.48 6.11 1.83
N VAL A 52 7.05 5.23 1.01
CA VAL A 52 6.24 4.15 0.40
C VAL A 52 6.71 2.80 0.94
N ALA A 53 5.78 2.05 1.51
CA ALA A 53 6.10 0.74 2.10
C ALA A 53 6.11 -0.24 0.98
N VAL A 54 7.28 -0.74 0.63
CA VAL A 54 7.38 -1.62 -0.53
C VAL A 54 7.56 -3.09 -0.13
N SER A 55 6.54 -3.90 -0.41
CA SER A 55 6.54 -5.31 -0.03
C SER A 55 7.30 -6.17 -1.04
N GLY A 56 7.60 -5.60 -2.21
CA GLY A 56 8.04 -6.40 -3.33
C GLY A 56 6.88 -6.79 -4.25
N GLY A 57 5.64 -6.56 -3.80
CA GLY A 57 4.44 -6.78 -4.61
C GLY A 57 4.28 -5.71 -5.67
N LYS A 58 3.42 -5.95 -6.66
CA LYS A 58 3.28 -5.01 -7.77
C LYS A 58 2.72 -3.64 -7.36
N ASP A 59 1.87 -3.63 -6.34
CA ASP A 59 1.06 -2.44 -6.04
C ASP A 59 1.87 -1.33 -5.39
N SER A 60 2.62 -1.68 -4.35
CA SER A 60 3.52 -0.74 -3.73
C SER A 60 4.66 -0.37 -4.69
N ALA A 61 5.07 -1.30 -5.54
CA ALA A 61 6.12 -1.01 -6.51
C ALA A 61 5.70 0.06 -7.51
N VAL A 62 4.49 -0.10 -8.06
CA VAL A 62 3.98 0.84 -9.05
C VAL A 62 3.72 2.18 -8.37
N THR A 63 3.29 2.12 -7.10
CA THR A 63 3.01 3.33 -6.35
C THR A 63 4.30 4.15 -6.28
N ALA A 64 5.37 3.54 -5.79
CA ALA A 64 6.63 4.27 -5.64
C ALA A 64 7.17 4.70 -6.99
N TYR A 65 6.98 3.85 -7.99
CA TYR A 65 7.44 4.15 -9.33
C TYR A 65 6.78 5.42 -9.87
N VAL A 66 5.45 5.49 -9.76
CA VAL A 66 4.72 6.62 -10.33
C VAL A 66 4.87 7.91 -9.54
N LEU A 67 4.82 7.83 -8.21
CA LEU A 67 5.05 9.02 -7.40
C LEU A 67 6.39 9.64 -7.76
N LYS A 68 7.39 8.79 -8.02
CA LYS A 68 8.73 9.23 -8.40
C LYS A 68 8.71 9.90 -9.77
N LYS A 69 8.11 9.22 -10.74
CA LYS A 69 8.01 9.76 -12.09
C LYS A 69 7.23 11.09 -12.12
N LEU A 70 6.22 11.19 -11.26
CA LEU A 70 5.43 12.41 -11.14
C LEU A 70 6.21 13.56 -10.51
N GLY A 71 7.33 13.24 -9.87
CA GLY A 71 8.16 14.27 -9.30
C GLY A 71 8.05 14.46 -7.80
N TYR A 72 7.51 13.47 -7.10
CA TYR A 72 7.39 13.56 -5.64
C TYR A 72 8.68 13.15 -4.95
N ASN A 73 8.82 13.57 -3.69
CA ASN A 73 10.00 13.24 -2.91
C ASN A 73 9.77 11.94 -2.13
N ILE A 74 10.18 10.82 -2.70
CA ILE A 74 9.82 9.56 -2.07
C ILE A 74 11.01 8.73 -1.64
N GLU A 75 10.88 8.11 -0.48
CA GLU A 75 11.81 7.08 -0.04
C GLU A 75 10.97 5.84 0.24
N CYS A 76 11.61 4.68 0.22
CA CYS A 76 10.86 3.43 0.38
C CYS A 76 11.31 2.67 1.59
N LEU A 77 10.38 1.93 2.16
CA LEU A 77 10.66 1.06 3.29
C LEU A 77 10.18 -0.35 2.98
N HIS A 78 11.06 -1.33 3.13
CA HIS A 78 10.66 -2.72 2.98
C HIS A 78 10.70 -3.40 4.32
N ILE A 79 9.61 -4.03 4.70
CA ILE A 79 9.56 -4.71 5.97
C ILE A 79 9.64 -6.20 5.72
N ASN A 80 10.81 -6.76 6.05
CA ASN A 80 11.14 -8.15 5.84
C ASN A 80 10.50 -8.99 6.96
N LEU A 81 9.64 -9.94 6.57
CA LEU A 81 8.79 -10.67 7.52
C LEU A 81 9.52 -11.81 8.23
N GLY A 82 10.73 -12.12 7.78
CA GLY A 82 11.55 -13.10 8.47
C GLY A 82 11.12 -14.55 8.28
N ILE A 83 10.53 -14.83 7.14
CA ILE A 83 10.17 -16.19 6.81
C ILE A 83 11.31 -16.88 6.06
N SER A 84 11.88 -17.93 6.65
CA SER A 84 13.02 -18.57 6.02
C SER A 84 12.51 -19.21 4.74
N GLY A 85 13.28 -19.06 3.67
CA GLY A 85 12.87 -19.58 2.39
C GLY A 85 11.82 -18.76 1.66
N TYR A 86 11.57 -17.54 2.11
CA TYR A 86 10.55 -16.72 1.46
C TYR A 86 10.93 -15.24 1.43
N SER A 87 11.32 -14.74 2.59
CA SER A 87 11.54 -13.31 2.76
C SER A 87 12.77 -12.79 2.00
N GLU A 88 13.77 -13.67 1.83
CA GLU A 88 15.00 -13.29 1.15
C GLU A 88 14.69 -12.92 -0.30
N LYS A 89 13.90 -13.74 -0.98
CA LYS A 89 13.53 -13.44 -2.36
C LYS A 89 12.66 -12.18 -2.43
N SER A 90 11.76 -12.02 -1.46
CA SER A 90 10.89 -10.82 -1.40
C SER A 90 11.70 -9.53 -1.24
N GLU A 91 12.63 -9.53 -0.30
CA GLU A 91 13.50 -8.38 -0.12
C GLU A 91 14.28 -8.09 -1.39
N GLU A 92 14.74 -9.13 -2.08
CA GLU A 92 15.50 -8.93 -3.31
C GLU A 92 14.66 -8.26 -4.39
N TYR A 93 13.38 -8.63 -4.49
CA TYR A 93 12.45 -8.00 -5.42
C TYR A 93 12.24 -6.51 -5.09
N ALA A 94 12.08 -6.22 -3.81
CA ALA A 94 11.93 -4.84 -3.37
C ALA A 94 13.20 -4.03 -3.70
N LYS A 95 14.37 -4.58 -3.41
CA LYS A 95 15.64 -3.89 -3.75
C LYS A 95 15.78 -3.58 -5.24
N LYS A 96 15.55 -4.58 -6.07
CA LYS A 96 15.60 -4.38 -7.50
C LYS A 96 14.62 -3.30 -7.97
N GLN A 97 13.38 -3.35 -7.48
CA GLN A 97 12.41 -2.31 -7.78
C GLN A 97 12.91 -0.90 -7.43
N CYS A 98 13.41 -0.71 -6.22
CA CYS A 98 13.86 0.61 -5.79
C CYS A 98 15.10 1.10 -6.58
N LYS A 99 15.94 0.17 -6.98
CA LYS A 99 17.08 0.50 -7.85
C LYS A 99 16.55 1.03 -9.19
N LEU A 100 15.60 0.29 -9.76
CA LEU A 100 14.96 0.72 -11.01
C LEU A 100 14.26 2.06 -10.83
N ILE A 101 13.57 2.23 -9.71
CA ILE A 101 12.79 3.45 -9.47
C ILE A 101 13.75 4.59 -9.18
N GLY A 102 14.82 4.27 -8.47
CA GLY A 102 15.79 5.30 -8.09
C GLY A 102 15.42 5.94 -6.76
N ALA A 103 14.81 5.16 -5.88
CA ALA A 103 14.44 5.66 -4.58
C ALA A 103 15.31 5.02 -3.52
N PRO A 104 15.70 5.80 -2.50
CA PRO A 104 16.40 5.21 -1.35
C PRO A 104 15.51 4.14 -0.70
N LEU A 105 16.08 3.02 -0.31
CA LEU A 105 15.29 1.96 0.31
C LEU A 105 15.81 1.63 1.69
N HIS A 106 14.93 1.76 2.67
CA HIS A 106 15.26 1.42 4.04
C HIS A 106 14.70 0.04 4.32
N ILE A 107 15.43 -0.75 5.10
CA ILE A 107 14.95 -2.08 5.43
C ILE A 107 14.87 -2.33 6.93
N VAL A 108 13.70 -2.83 7.35
CA VAL A 108 13.49 -3.35 8.70
C VAL A 108 13.22 -4.84 8.64
N ARG A 109 14.06 -5.61 9.33
CA ARG A 109 13.90 -7.04 9.39
C ARG A 109 13.22 -7.40 10.71
N ILE A 110 11.98 -7.85 10.63
CA ILE A 110 11.19 -8.13 11.82
C ILE A 110 11.87 -9.15 12.72
N LYS A 111 12.44 -10.19 12.12
CA LYS A 111 13.12 -11.26 12.85
C LYS A 111 14.35 -10.73 13.59
N GLU A 112 15.03 -9.76 13.00
CA GLU A 112 16.20 -9.17 13.66
C GLU A 112 15.86 -8.30 14.87
N ILE A 113 14.84 -7.47 14.75
CA ILE A 113 14.54 -6.55 15.85
C ILE A 113 13.59 -7.16 16.89
N LEU A 114 12.79 -8.14 16.50
CA LEU A 114 11.82 -8.73 17.41
C LEU A 114 12.19 -10.14 17.84
N GLY A 115 13.16 -10.74 17.14
CA GLY A 115 13.64 -12.09 17.45
C GLY A 115 12.92 -13.23 16.76
N TYR A 116 11.79 -12.93 16.13
CA TYR A 116 10.95 -13.98 15.54
C TYR A 116 10.38 -13.59 14.18
N GLY A 117 10.32 -14.56 13.28
CA GLY A 117 9.74 -14.30 11.97
C GLY A 117 8.24 -14.51 12.01
N ILE A 118 7.52 -13.87 11.07
CA ILE A 118 6.10 -14.11 10.91
C ILE A 118 5.85 -15.60 10.73
N GLY A 119 4.97 -16.16 11.55
CA GLY A 119 4.72 -17.59 11.54
C GLY A 119 5.64 -18.40 12.46
N GLU A 120 6.38 -17.71 13.32
CA GLU A 120 7.23 -18.38 14.27
C GLU A 120 6.82 -18.14 15.72
N VAL A 121 5.90 -17.21 15.94
CA VAL A 121 5.44 -16.91 17.29
C VAL A 121 4.50 -18.01 17.82
N LYS A 122 4.68 -18.38 19.09
CA LYS A 122 3.76 -19.31 19.75
C LYS A 122 2.41 -18.67 20.13
N THR A 123 1.57 -18.48 19.12
CA THR A 123 0.23 -17.96 19.29
C THR A 123 -0.67 -18.64 18.28
N ARG A 124 -1.97 -18.67 18.55
CA ARG A 124 -2.89 -19.24 17.58
C ARG A 124 -3.44 -18.16 16.66
N ARG A 125 -3.09 -16.91 16.92
CA ARG A 125 -3.47 -15.86 15.98
C ARG A 125 -2.76 -16.12 14.67
N PRO A 126 -3.53 -16.15 13.56
CA PRO A 126 -3.03 -16.34 12.20
C PRO A 126 -1.82 -15.49 11.91
N PRO A 127 -0.76 -16.10 11.37
CA PRO A 127 0.49 -15.42 11.06
C PRO A 127 0.22 -14.12 10.33
N CYS A 128 -0.60 -14.15 9.28
CA CYS A 128 -0.86 -12.96 8.49
C CYS A 128 -1.62 -11.88 9.26
N SER A 129 -2.31 -12.27 10.32
CA SER A 129 -3.06 -11.31 11.13
C SER A 129 -2.17 -10.49 12.09
N TYR A 130 -1.30 -11.16 12.83
CA TYR A 130 -0.32 -10.40 13.60
C TYR A 130 0.74 -9.77 12.68
N CYS A 131 0.89 -10.34 11.47
CA CYS A 131 1.73 -9.72 10.45
C CYS A 131 1.23 -8.33 10.12
N GLY A 132 -0.08 -8.22 9.89
CA GLY A 132 -0.73 -6.95 9.58
C GLY A 132 -0.56 -5.90 10.67
N LEU A 133 -0.83 -6.30 11.92
CA LEU A 133 -0.60 -5.45 13.09
C LEU A 133 0.85 -4.94 13.10
N THR A 134 1.79 -5.88 13.04
CA THR A 134 3.21 -5.57 13.12
C THR A 134 3.65 -4.66 12.00
N LYS A 135 3.18 -4.94 10.79
CA LYS A 135 3.64 -4.16 9.65
C LYS A 135 3.12 -2.71 9.70
N ARG A 136 1.85 -2.55 10.05
CA ARG A 136 1.23 -1.22 10.09
C ARG A 136 1.92 -0.37 11.16
N TYR A 137 2.26 -1.00 12.27
CA TYR A 137 2.89 -0.30 13.37
C TYR A 137 4.26 0.19 12.96
N ILE A 138 5.04 -0.70 12.35
CA ILE A 138 6.41 -0.37 11.96
C ILE A 138 6.42 0.71 10.90
N MET A 139 5.50 0.63 9.93
CA MET A 139 5.41 1.63 8.88
C MET A 139 5.19 3.00 9.50
N ASN A 140 4.26 3.05 10.44
CA ASN A 140 3.93 4.32 11.06
C ASN A 140 5.03 4.85 11.97
N LYS A 141 5.58 4.00 12.83
CA LYS A 141 6.64 4.47 13.73
C LYS A 141 7.92 4.85 12.98
N PHE A 142 8.18 4.18 11.85
CA PHE A 142 9.34 4.51 11.03
C PHE A 142 9.14 5.85 10.35
N ALA A 143 7.92 6.06 9.85
CA ALA A 143 7.59 7.33 9.22
C ALA A 143 7.72 8.45 10.25
N TYR A 144 7.26 8.15 11.45
CA TYR A 144 7.19 9.16 12.51
C TYR A 144 8.59 9.52 13.02
N ASP A 145 9.34 8.49 13.44
CA ASP A 145 10.71 8.64 13.90
C ASP A 145 11.61 9.39 12.96
N ASN A 146 11.35 9.28 11.66
CA ASN A 146 12.22 9.88 10.66
C ASN A 146 11.67 11.16 10.06
N GLY A 147 10.56 11.64 10.63
CA GLY A 147 9.98 12.91 10.19
C GLY A 147 9.35 12.93 8.81
N PHE A 148 8.85 11.79 8.35
CA PHE A 148 8.13 11.76 7.07
C PHE A 148 6.77 12.45 7.24
N ASP A 149 6.28 13.05 6.16
CA ASP A 149 5.00 13.75 6.21
C ASP A 149 3.82 12.88 5.84
N ALA A 150 4.09 11.76 5.17
CA ALA A 150 3.01 10.96 4.62
C ALA A 150 3.51 9.57 4.28
N ILE A 151 2.61 8.60 4.39
CA ILE A 151 2.86 7.24 3.93
C ILE A 151 1.90 6.98 2.79
N ALA A 152 2.43 6.57 1.64
CA ALA A 152 1.59 6.18 0.51
C ALA A 152 1.60 4.65 0.38
N THR A 153 0.40 4.05 0.27
CA THR A 153 0.28 2.62 0.03
C THR A 153 -0.29 2.34 -1.37
N GLY A 154 -0.28 1.08 -1.78
CA GLY A 154 -0.59 0.70 -3.15
C GLY A 154 -2.00 0.16 -3.42
N HIS A 155 -2.87 0.25 -2.42
CA HIS A 155 -4.26 -0.15 -2.55
C HIS A 155 -4.91 0.49 -3.76
N ASN A 156 -5.44 -0.34 -4.64
CA ASN A 156 -6.08 0.15 -5.85
C ASN A 156 -7.60 -0.03 -5.74
N LEU A 157 -8.31 0.28 -6.82
CA LEU A 157 -9.77 0.26 -6.78
C LEU A 157 -10.31 -1.11 -6.35
N ASP A 158 -9.73 -2.17 -6.92
CA ASP A 158 -10.13 -3.54 -6.60
C ASP A 158 -9.88 -3.91 -5.14
N ASP A 159 -8.78 -3.43 -4.57
CA ASP A 159 -8.55 -3.61 -3.14
C ASP A 159 -9.61 -2.95 -2.29
N GLU A 160 -9.89 -1.67 -2.55
CA GLU A 160 -10.93 -0.96 -1.79
C GLU A 160 -12.27 -1.69 -1.89
N ALA A 161 -12.64 -2.11 -3.11
CA ALA A 161 -13.92 -2.75 -3.36
C ALA A 161 -14.05 -4.07 -2.58
N SER A 162 -13.03 -4.91 -2.67
CA SER A 162 -13.00 -6.19 -1.97
C SER A 162 -12.94 -6.04 -0.45
N PHE A 163 -12.16 -5.09 0.04
CA PHE A 163 -12.11 -4.76 1.45
C PHE A 163 -13.49 -4.30 1.90
N LEU A 164 -14.12 -3.43 1.11
CA LEU A 164 -15.49 -3.00 1.40
C LEU A 164 -16.48 -4.17 1.47
N LEU A 165 -16.49 -5.04 0.47
CA LEU A 165 -17.44 -6.15 0.43
C LEU A 165 -17.21 -7.09 1.61
N ASN A 166 -15.95 -7.39 1.88
CA ASN A 166 -15.59 -8.24 2.99
C ASN A 166 -16.10 -7.68 4.30
N ASN A 167 -15.79 -6.42 4.56
CA ASN A 167 -16.19 -5.82 5.83
C ASN A 167 -17.69 -5.66 5.99
N ILE A 168 -18.41 -5.57 4.88
CA ILE A 168 -19.87 -5.49 4.93
C ILE A 168 -20.51 -6.84 5.20
N LEU A 169 -19.99 -7.88 4.57
CA LEU A 169 -20.43 -9.24 4.88
C LEU A 169 -20.29 -9.56 6.36
N HIS A 170 -19.20 -9.08 6.97
CA HIS A 170 -18.92 -9.30 8.38
C HIS A 170 -19.49 -8.23 9.28
N TRP A 171 -20.08 -7.20 8.68
CA TRP A 171 -20.51 -6.00 9.40
C TRP A 171 -19.44 -5.43 10.35
N ASN A 172 -18.22 -5.29 9.82
CA ASN A 172 -17.15 -4.59 10.53
C ASN A 172 -17.32 -3.09 10.37
N THR A 173 -18.25 -2.51 11.12
CA THR A 173 -18.62 -1.13 10.91
C THR A 173 -17.51 -0.18 11.33
N GLU A 174 -16.66 -0.63 12.26
CA GLU A 174 -15.52 0.16 12.66
C GLU A 174 -14.55 0.35 11.51
N TYR A 175 -14.11 -0.75 10.92
CA TYR A 175 -13.32 -0.69 9.70
C TYR A 175 -13.99 0.17 8.63
N LEU A 176 -15.32 0.05 8.51
CA LEU A 176 -16.07 0.74 7.46
C LEU A 176 -16.05 2.26 7.62
N ALA A 177 -15.82 2.72 8.85
CA ALA A 177 -15.77 4.16 9.08
C ALA A 177 -14.45 4.73 8.56
N LYS A 178 -13.45 3.86 8.43
CA LYS A 178 -12.08 4.30 8.18
C LYS A 178 -11.52 3.98 6.77
N GLY A 179 -12.39 3.91 5.78
CA GLY A 179 -11.98 3.66 4.41
C GLY A 179 -11.72 4.94 3.63
N GLY A 180 -11.61 4.81 2.31
CA GLY A 180 -11.36 5.96 1.47
C GLY A 180 -9.88 6.17 1.24
N PRO A 181 -9.52 7.15 0.40
CA PRO A 181 -8.15 7.33 -0.10
C PRO A 181 -7.21 8.02 0.87
N ILE A 182 -7.72 8.50 2.00
CA ILE A 182 -6.88 9.27 2.92
C ILE A 182 -7.24 9.13 4.39
N LEU A 183 -6.22 8.93 5.22
CA LEU A 183 -6.36 8.98 6.67
C LEU A 183 -5.48 10.12 7.17
N PRO A 184 -6.10 11.27 7.48
CA PRO A 184 -5.36 12.50 7.81
C PRO A 184 -4.44 12.29 9.01
N GLN A 185 -3.34 13.02 9.03
CA GLN A 185 -2.43 12.95 10.17
C GLN A 185 -3.19 13.25 11.45
N GLN A 186 -3.00 12.39 12.45
CA GLN A 186 -3.71 12.53 13.71
C GLN A 186 -2.83 12.11 14.86
N GLY A 187 -2.21 13.08 15.52
CA GLY A 187 -1.26 12.81 16.57
C GLY A 187 -0.05 12.12 15.99
N LYS A 188 0.39 11.03 16.61
CA LYS A 188 1.56 10.31 16.11
C LYS A 188 1.25 9.32 14.98
N PHE A 189 -0.02 9.28 14.55
CA PHE A 189 -0.41 8.61 13.31
C PHE A 189 -0.12 9.49 12.11
N ILE A 190 0.87 9.10 11.31
CA ILE A 190 1.24 9.84 10.12
C ILE A 190 0.15 9.73 9.06
N LYS A 191 -0.02 10.77 8.26
CA LYS A 191 -0.98 10.77 7.16
C LYS A 191 -0.72 9.60 6.20
N LYS A 192 -1.76 8.80 5.96
CA LYS A 192 -1.70 7.67 5.02
C LYS A 192 -2.60 7.94 3.84
N VAL A 193 -2.06 7.78 2.62
CA VAL A 193 -2.80 8.03 1.40
C VAL A 193 -2.70 6.85 0.42
N LYS A 194 -3.66 6.79 -0.50
CA LYS A 194 -3.77 5.71 -1.49
C LYS A 194 -3.86 6.34 -2.88
N PRO A 195 -2.70 6.67 -3.47
CA PRO A 195 -2.67 7.29 -4.80
C PRO A 195 -3.22 6.42 -5.94
N LEU A 196 -3.26 5.11 -5.75
CA LEU A 196 -3.77 4.22 -6.78
C LEU A 196 -5.27 3.94 -6.58
N TYR A 197 -5.91 4.78 -5.76
CA TYR A 197 -7.34 4.61 -5.44
C TYR A 197 -8.25 4.39 -6.64
N GLU A 198 -7.95 5.00 -7.78
CA GLU A 198 -8.90 5.00 -8.89
C GLU A 198 -8.46 4.17 -10.10
N VAL A 199 -7.27 3.56 -9.99
CA VAL A 199 -6.84 2.65 -11.04
C VAL A 199 -7.24 1.22 -10.65
N THR A 200 -7.46 0.37 -11.64
CA THR A 200 -7.89 -0.99 -11.38
C THR A 200 -6.67 -1.89 -11.21
N GLU A 201 -6.89 -3.07 -10.65
CA GLU A 201 -5.80 -4.02 -10.43
C GLU A 201 -5.23 -4.46 -11.78
N ARG A 202 -6.12 -4.60 -12.75
CA ARG A 202 -5.75 -4.94 -14.11
C ARG A 202 -4.83 -3.85 -14.73
N GLU A 203 -5.16 -2.59 -14.48
CA GLU A 203 -4.31 -1.49 -14.97
C GLU A 203 -2.94 -1.48 -14.26
N VAL A 204 -2.94 -1.80 -12.97
CA VAL A 204 -1.69 -1.90 -12.23
C VAL A 204 -0.79 -2.98 -12.81
N VAL A 205 -1.35 -4.18 -12.99
CA VAL A 205 -0.61 -5.25 -13.67
C VAL A 205 -0.03 -4.78 -15.00
N ALA A 206 -0.88 -4.17 -15.83
CA ALA A 206 -0.42 -3.71 -17.13
C ALA A 206 0.68 -2.63 -17.04
N TYR A 207 0.61 -1.79 -16.01
CA TYR A 207 1.60 -0.74 -15.89
C TYR A 207 2.95 -1.29 -15.48
N ALA A 208 2.98 -2.12 -14.45
CA ALA A 208 4.21 -2.77 -14.01
C ALA A 208 4.94 -3.46 -15.15
N LEU A 209 4.20 -4.19 -15.96
CA LEU A 209 4.79 -4.94 -17.05
C LEU A 209 5.32 -3.97 -18.10
N ALA A 210 4.60 -2.87 -18.30
CA ALA A 210 5.02 -1.88 -19.29
C ALA A 210 6.33 -1.21 -18.89
N VAL A 211 6.52 -0.96 -17.61
CA VAL A 211 7.73 -0.28 -17.17
C VAL A 211 8.84 -1.23 -16.71
N GLY A 212 8.61 -2.55 -16.84
CA GLY A 212 9.66 -3.51 -16.55
C GLY A 212 9.87 -3.77 -15.06
N LEU A 213 8.85 -3.49 -14.26
CA LEU A 213 8.86 -3.86 -12.86
C LEU A 213 8.54 -5.35 -12.69
N GLU A 214 9.37 -6.03 -11.92
CA GLU A 214 9.15 -7.42 -11.56
C GLU A 214 8.76 -7.49 -10.07
N TYR A 215 7.86 -8.40 -9.74
CA TYR A 215 7.30 -8.43 -8.40
C TYR A 215 6.92 -9.83 -7.98
N ILE A 216 6.78 -10.03 -6.67
CA ILE A 216 6.24 -11.26 -6.12
C ILE A 216 4.72 -11.18 -6.09
N VAL A 217 4.06 -12.33 -6.01
CA VAL A 217 2.61 -12.37 -5.91
C VAL A 217 2.09 -12.32 -4.46
N GLU A 218 2.81 -12.92 -3.52
CA GLU A 218 2.27 -13.01 -2.17
C GLU A 218 3.28 -12.59 -1.11
N GLU A 219 2.92 -11.56 -0.36
CA GLU A 219 3.79 -11.03 0.70
C GLU A 219 3.84 -11.99 1.89
N CYS A 220 2.66 -12.33 2.42
CA CYS A 220 2.53 -13.32 3.49
C CYS A 220 1.92 -14.59 2.91
N PRO A 221 2.70 -15.69 2.89
CA PRO A 221 2.23 -16.96 2.33
C PRO A 221 1.44 -17.85 3.30
N TYR A 222 0.83 -17.26 4.33
CA TYR A 222 0.09 -18.04 5.31
C TYR A 222 -1.39 -17.65 5.37
N THR A 227 -9.63 -14.94 1.02
CA THR A 227 -10.85 -14.18 1.25
C THR A 227 -10.94 -12.96 0.34
N THR A 228 -9.93 -12.10 0.40
CA THR A 228 -9.86 -10.94 -0.49
C THR A 228 -9.95 -11.44 -1.92
N LEU A 229 -9.20 -12.51 -2.19
CA LEU A 229 -9.22 -13.18 -3.47
C LEU A 229 -10.60 -13.70 -3.80
N ASP A 230 -11.34 -14.15 -2.78
CA ASP A 230 -12.72 -14.58 -2.96
C ASP A 230 -13.57 -13.37 -3.34
N MET A 231 -13.39 -12.27 -2.61
CA MET A 231 -14.15 -11.05 -2.87
C MET A 231 -13.83 -10.48 -4.25
N LYS A 232 -12.55 -10.50 -4.62
CA LYS A 232 -12.16 -9.94 -5.90
C LYS A 232 -12.79 -10.75 -7.04
N GLY A 233 -12.87 -12.06 -6.86
CA GLY A 233 -13.42 -12.96 -7.88
C GLY A 233 -14.91 -12.75 -8.06
N VAL A 234 -15.60 -12.67 -6.94
CA VAL A 234 -17.01 -12.28 -6.92
C VAL A 234 -17.23 -10.94 -7.62
N LEU A 235 -16.40 -9.94 -7.27
CA LEU A 235 -16.56 -8.61 -7.83
C LEU A 235 -16.23 -8.59 -9.31
N ASN A 236 -15.24 -9.38 -9.71
CA ASN A 236 -14.91 -9.53 -11.12
C ASN A 236 -16.06 -10.20 -11.87
N GLU A 237 -16.66 -11.21 -11.23
CA GLU A 237 -17.85 -11.85 -11.78
C GLU A 237 -18.94 -10.82 -12.04
N LEU A 238 -19.34 -10.10 -10.99
CA LEU A 238 -20.33 -9.02 -11.11
C LEU A 238 -19.98 -7.94 -12.15
N GLU A 239 -18.71 -7.56 -12.19
CA GLU A 239 -18.23 -6.58 -13.16
C GLU A 239 -18.46 -7.00 -14.61
N GLU A 240 -18.23 -8.27 -14.92
CA GLU A 240 -18.45 -8.76 -16.29
C GLU A 240 -19.94 -8.84 -16.63
N LYS A 241 -20.77 -9.16 -15.63
CA LYS A 241 -22.21 -9.09 -15.77
C LYS A 241 -22.63 -7.65 -15.98
N ARG A 242 -22.24 -6.75 -15.06
CA ARG A 242 -22.62 -5.34 -15.16
C ARG A 242 -21.42 -4.41 -14.99
N PRO A 243 -20.73 -4.09 -16.10
CA PRO A 243 -19.55 -3.23 -16.04
C PRO A 243 -19.93 -1.93 -15.36
N GLY A 244 -19.04 -1.41 -14.54
CA GLY A 244 -19.32 -0.21 -13.77
C GLY A 244 -19.70 -0.51 -12.33
N THR A 245 -19.81 -1.79 -12.00
CA THR A 245 -20.24 -2.20 -10.67
C THR A 245 -19.24 -1.78 -9.58
N LYS A 246 -17.96 -2.08 -9.80
CA LYS A 246 -16.96 -1.82 -8.76
C LYS A 246 -16.86 -0.34 -8.45
N PHE A 247 -16.80 0.47 -9.50
CA PHE A 247 -16.65 1.90 -9.34
C PHE A 247 -17.86 2.47 -8.62
N ASN A 248 -19.04 2.05 -9.07
CA ASN A 248 -20.31 2.51 -8.52
C ASN A 248 -20.41 2.20 -7.02
N PHE A 249 -20.00 0.98 -6.66
CA PHE A 249 -19.95 0.56 -5.26
C PHE A 249 -19.09 1.48 -4.40
N VAL A 250 -17.87 1.79 -4.87
CA VAL A 250 -16.96 2.61 -4.08
C VAL A 250 -17.45 4.04 -3.98
N ARG A 251 -17.95 4.57 -5.09
CA ARG A 251 -18.50 5.92 -5.14
C ARG A 251 -19.65 6.04 -4.14
N GLY A 252 -20.56 5.06 -4.18
CA GLY A 252 -21.66 5.07 -3.24
C GLY A 252 -21.12 5.05 -1.82
N TYR A 253 -20.10 4.24 -1.58
CA TYR A 253 -19.53 4.11 -0.24
C TYR A 253 -18.98 5.43 0.30
N LEU A 254 -18.28 6.17 -0.55
CA LEU A 254 -17.66 7.42 -0.15
C LEU A 254 -18.71 8.41 0.32
N LYS A 255 -19.87 8.36 -0.32
CA LYS A 255 -20.99 9.25 -0.02
C LYS A 255 -21.69 8.90 1.29
N LYS A 256 -21.60 7.64 1.71
CA LYS A 256 -22.38 7.15 2.85
C LYS A 256 -21.49 6.82 4.04
N LYS A 257 -20.18 6.91 3.82
CA LYS A 257 -19.16 6.55 4.81
C LYS A 257 -19.46 7.12 6.19
N LYS A 258 -20.00 8.33 6.19
CA LYS A 258 -20.33 9.07 7.40
C LYS A 258 -21.20 8.29 8.39
N LEU A 259 -22.03 7.38 7.88
CA LEU A 259 -22.99 6.65 8.69
C LEU A 259 -22.35 5.67 9.64
N PHE A 260 -21.08 5.35 9.40
CA PHE A 260 -20.39 4.40 10.25
C PHE A 260 -19.56 5.11 11.31
N GLU A 261 -19.54 6.43 11.24
CA GLU A 261 -18.66 7.24 12.10
C GLU A 261 -18.91 7.20 13.62
N PRO A 262 -20.16 6.95 14.07
CA PRO A 262 -20.30 6.66 15.50
C PRO A 262 -20.18 5.16 15.79
N LYS A 270 -4.83 7.69 23.83
CA LYS A 270 -3.76 7.87 24.80
C LYS A 270 -2.37 7.80 24.14
N GLU A 271 -1.32 7.70 24.97
CA GLU A 271 0.03 7.41 24.49
C GLU A 271 0.50 6.15 25.17
N CYS A 272 1.09 5.25 24.39
CA CYS A 272 1.54 3.99 24.95
C CYS A 272 2.62 4.19 26.01
N LYS A 273 2.51 3.43 27.10
CA LYS A 273 3.47 3.52 28.22
C LYS A 273 4.84 2.96 27.86
N ILE A 274 4.96 2.38 26.68
CA ILE A 274 6.23 1.79 26.28
C ILE A 274 6.91 2.57 25.16
N CYS A 275 6.16 2.87 24.11
CA CYS A 275 6.74 3.45 22.90
C CYS A 275 6.15 4.81 22.60
N ARG A 276 5.11 5.16 23.36
CA ARG A 276 4.46 6.47 23.27
C ARG A 276 3.73 6.71 21.94
N MET A 277 3.49 5.64 21.20
CA MET A 277 2.69 5.75 19.99
C MET A 277 1.23 5.53 20.41
N PRO A 278 0.28 6.08 19.64
CA PRO A 278 -1.14 6.05 20.02
C PRO A 278 -1.59 4.69 20.54
N SER A 279 -2.35 4.71 21.62
CA SER A 279 -2.77 3.49 22.26
C SER A 279 -4.16 3.60 22.87
N SER A 280 -5.05 2.69 22.47
CA SER A 280 -6.27 2.45 23.22
C SER A 280 -5.88 1.42 24.28
N GLY A 281 -6.09 1.76 25.53
CA GLY A 281 -5.46 1.02 26.61
C GLY A 281 -4.12 1.70 26.85
N ASP A 282 -3.55 1.49 28.02
CA ASP A 282 -2.35 2.23 28.39
C ASP A 282 -1.09 1.68 27.71
N ILE A 283 -1.03 0.36 27.50
CA ILE A 283 0.02 -0.22 26.65
C ILE A 283 -0.60 -0.62 25.31
N CYS A 284 0.14 -0.40 24.22
CA CYS A 284 -0.47 -0.56 22.91
C CYS A 284 -0.48 -2.02 22.43
N ALA A 285 -1.26 -2.26 21.39
CA ALA A 285 -1.47 -3.60 20.85
C ALA A 285 -0.15 -4.24 20.44
N PHE A 286 0.62 -3.53 19.63
CA PHE A 286 1.93 -3.99 19.18
C PHE A 286 2.78 -4.40 20.39
N CYS A 287 2.95 -3.46 21.32
CA CYS A 287 3.77 -3.69 22.50
C CYS A 287 3.29 -4.84 23.38
N LYS A 288 1.98 -4.95 23.56
CA LYS A 288 1.46 -6.07 24.34
C LYS A 288 1.70 -7.40 23.64
N PHE A 289 1.41 -7.45 22.34
CA PHE A 289 1.60 -8.70 21.59
C PHE A 289 3.05 -9.15 21.64
N TRP A 290 3.97 -8.22 21.37
CA TRP A 290 5.38 -8.56 21.28
C TRP A 290 6.05 -8.64 22.66
N GLY A 291 5.31 -8.24 23.69
CA GLY A 291 5.80 -8.28 25.05
C GLY A 291 7.01 -7.38 25.21
N LEU A 292 6.87 -6.15 24.74
CA LEU A 292 7.97 -5.22 24.68
C LEU A 292 7.96 -4.33 25.89
N LYS A 293 9.13 -4.17 26.49
CA LYS A 293 9.29 -3.31 27.65
C LYS A 293 9.97 -2.02 27.24
N LYS A 294 10.48 -1.98 26.01
CA LYS A 294 11.24 -0.83 25.54
C LYS A 294 10.84 -0.36 24.14
N GLU A 295 11.01 0.93 23.89
CA GLU A 295 10.63 1.54 22.63
C GLU A 295 11.61 1.13 21.53
N ILE A 296 11.14 1.02 20.29
CA ILE A 296 12.04 0.80 19.18
C ILE A 296 12.30 2.10 18.46
N ASN A 297 13.57 2.43 18.28
CA ASN A 297 13.96 3.66 17.63
C ASN A 297 14.24 3.39 16.16
N PHE A 298 13.38 3.88 15.27
CA PHE A 298 13.53 3.62 13.85
C PHE A 298 14.28 4.71 13.10
N LYS A 299 14.74 5.72 13.85
CA LYS A 299 15.55 6.79 13.28
C LYS A 299 16.79 6.25 12.55
N VAL A 300 17.00 6.74 11.33
CA VAL A 300 18.17 6.33 10.56
C VAL A 300 18.87 7.55 9.96
N SER A 301 20.18 7.46 9.81
CA SER A 301 20.94 8.54 9.19
C SER A 301 21.34 8.21 7.76
N SER A 302 21.10 6.97 7.35
CA SER A 302 21.52 6.50 6.03
C SER A 302 20.91 5.13 5.69
N THR A 303 21.20 4.66 4.49
CA THR A 303 20.76 3.34 4.06
C THR A 303 21.96 2.39 3.97
N ASP A 304 21.67 1.09 4.02
CA ASP A 304 22.69 0.09 3.80
C ASP A 304 23.40 0.28 2.45
N GLU A 305 22.63 0.73 1.46
CA GLU A 305 23.14 0.93 0.11
C GLU A 305 23.88 2.26 -0.06
N GLU A 306 23.57 3.24 0.78
CA GLU A 306 24.34 4.47 0.77
C GLU A 306 24.76 4.89 2.17
N PRO A 307 25.69 4.12 2.77
CA PRO A 307 26.06 4.34 4.17
C PRO A 307 26.70 5.70 4.44
N PHE A 308 27.26 6.33 3.42
CA PHE A 308 27.92 7.63 3.63
C PHE A 308 27.07 8.81 3.13
N GLY A 309 25.76 8.61 3.02
CA GLY A 309 24.88 9.62 2.47
C GLY A 309 24.98 9.73 0.95
ZN ZN B . -0.37 5.59 -28.85
ZN ZN C . 3.60 0.62 22.33
N1 BCN D . 0.52 -2.59 -0.41
C1 BCN D . -0.68 -2.62 -1.35
C2 BCN D . -1.72 -3.61 -0.97
O21 BCN D . -1.82 -3.92 0.23
O22 BCN D . -2.46 -4.12 -1.85
C3 BCN D . 1.57 -3.54 -0.86
C4 BCN D . 1.54 -4.04 -2.32
O4 BCN D . 2.56 -4.30 -2.92
C5 BCN D . 1.08 -1.23 -0.38
C6 BCN D . 2.06 -1.02 0.69
O6 BCN D . 2.38 0.08 1.02
#